data_7DFQ
#
_entry.id   7DFQ
#
_cell.length_a   42.431
_cell.length_b   77.216
_cell.length_c   126.177
_cell.angle_alpha   90.000
_cell.angle_beta   90.000
_cell.angle_gamma   90.000
#
_symmetry.space_group_name_H-M   'P 21 21 21'
#
loop_
_entity.id
_entity.type
_entity.pdbx_description
1 polymer 4-O-alpha-L-rhamnosyl-beta-D-glucuronidase
2 non-polymer 2-acetamido-2-deoxy-beta-D-glucopyranose
3 water water
#
_entity_poly.entity_id   1
_entity_poly.type   'polypeptide(L)'
_entity_poly.pdbx_seq_one_letter_code
;EFLTFNVPSSPPSNSSAQLSDAPVGVSFEFFAFPGYWNDVPSTSTCLQNLKDLSGTWPPIRIGGTTQDRATYDASSSQQV
TYTVANAGDAPSTLTFGPSFMSLAGTYAGQVTIGFNRRLNNLANTVAAASKAVNEINSLHAIELGNEPNFFSGSDPIAQG
SSWTASADYASEVTWQDAVCGNLSASNLISAGVFFGTSPMSIAGLTAVEGQANSYVRQYCSHNYPQSKSTANLANLMSHS
GIASQIKPFAKEVAAALAKNKPHVFGETNSATQGGGGISPTYGAGLWLLDYVMQALIMGTETLYFHHGTIGNCQYCWWGK
YSMGSPYFGAYFATMALAGANKIAPLDDQTTGYAAYAIYKDDKPIRVLLYNSDYYTSGSRPSQTFTLTGLSGSTVSAKRL
TAAASTSRVDAGQSPTVAGQTFENGSCKIQGQSTVESATVSGGKATFTLQASEALLVTLENKLISEEDLQSAVDHHHHHH
;
_entity_poly.pdbx_strand_id   A
#
loop_
_chem_comp.id
_chem_comp.type
_chem_comp.name
_chem_comp.formula
NAG D-saccharide, beta linking 2-acetamido-2-deoxy-beta-D-glucopyranose 'C8 H15 N O6'
#
# COMPACT_ATOMS: atom_id res chain seq x y z
N LEU A 3 -7.05 -18.07 -24.67
CA LEU A 3 -6.23 -18.50 -23.48
C LEU A 3 -7.10 -18.95 -22.30
N THR A 4 -6.58 -19.93 -21.57
CA THR A 4 -7.40 -20.84 -20.75
C THR A 4 -6.64 -21.10 -19.47
N PHE A 5 -7.34 -21.02 -18.36
CA PHE A 5 -6.78 -21.23 -17.01
C PHE A 5 -7.65 -22.20 -16.27
N ASN A 6 -7.02 -23.22 -15.70
CA ASN A 6 -7.74 -24.14 -14.82
C ASN A 6 -7.78 -23.54 -13.41
N VAL A 7 -8.93 -23.60 -12.78
CA VAL A 7 -9.10 -23.13 -11.37
C VAL A 7 -9.00 -24.35 -10.46
N PRO A 8 -7.88 -24.56 -9.76
CA PRO A 8 -7.76 -25.76 -8.93
C PRO A 8 -8.68 -25.77 -7.70
N SER A 9 -9.10 -26.96 -7.26
CA SER A 9 -10.10 -27.14 -6.18
C SER A 9 -9.47 -26.90 -4.81
N SER A 10 -8.15 -26.81 -4.73
CA SER A 10 -7.46 -26.41 -3.48
C SER A 10 -6.28 -25.51 -3.83
N PRO A 11 -5.72 -24.74 -2.85
CA PRO A 11 -4.64 -23.81 -3.17
C PRO A 11 -3.44 -24.49 -3.80
N PRO A 12 -3.03 -23.98 -4.97
CA PRO A 12 -1.84 -24.46 -5.64
C PRO A 12 -0.58 -24.21 -4.80
N SER A 13 0.48 -24.91 -5.19
CA SER A 13 1.78 -24.85 -4.51
C SER A 13 2.33 -23.43 -4.64
N ASN A 14 2.02 -22.67 -5.71
CA ASN A 14 2.57 -21.28 -5.85
C ASN A 14 1.59 -20.27 -5.26
N SER A 15 0.62 -20.69 -4.45
CA SER A 15 -0.25 -19.75 -3.70
C SER A 15 0.54 -18.84 -2.77
N SER A 16 -0.06 -17.69 -2.46
CA SER A 16 0.28 -16.85 -1.31
C SER A 16 0.20 -17.66 -0.02
N ALA A 17 0.84 -17.14 1.03
CA ALA A 17 0.55 -17.59 2.39
C ALA A 17 -0.85 -17.17 2.79
N GLN A 18 -1.30 -17.60 3.97
CA GLN A 18 -2.53 -17.11 4.59
C GLN A 18 -2.48 -15.56 4.63
N LEU A 19 -3.47 -14.94 4.01
CA LEU A 19 -3.53 -13.47 3.91
C LEU A 19 -3.97 -12.82 5.21
N SER A 20 -3.53 -11.57 5.39
CA SER A 20 -4.07 -10.58 6.35
C SER A 20 -5.57 -10.38 6.14
N ASP A 21 -6.31 -9.96 7.18
CA ASP A 21 -7.76 -9.66 7.02
C ASP A 21 -7.93 -8.44 6.08
N ALA A 22 -6.90 -7.61 5.92
CA ALA A 22 -6.98 -6.38 5.10
C ALA A 22 -5.62 -6.01 4.58
N PRO A 23 -5.17 -6.68 3.49
CA PRO A 23 -3.82 -6.43 3.00
C PRO A 23 -3.61 -5.06 2.35
N VAL A 24 -4.69 -4.41 1.96
CA VAL A 24 -4.60 -3.09 1.26
C VAL A 24 -4.75 -1.96 2.30
N GLY A 25 -3.64 -1.33 2.61
CA GLY A 25 -3.57 -0.26 3.63
C GLY A 25 -3.24 1.08 3.02
N VAL A 26 -3.08 2.07 3.90
CA VAL A 26 -2.93 3.48 3.46
C VAL A 26 -1.82 4.10 4.30
N SER A 27 -0.91 4.83 3.65
CA SER A 27 0.14 5.60 4.33
C SER A 27 -0.21 7.09 4.17
N PHE A 28 -0.10 7.85 5.25
CA PHE A 28 -0.38 9.30 5.25
C PHE A 28 0.91 10.03 5.61
N GLU A 29 1.28 11.00 4.80
CA GLU A 29 2.45 11.83 5.08
C GLU A 29 2.32 12.39 6.50
N PHE A 30 3.34 12.19 7.33
CA PHE A 30 3.30 12.54 8.77
C PHE A 30 2.66 13.91 8.98
N PHE A 31 3.23 14.96 8.44
CA PHE A 31 2.77 16.34 8.80
C PHE A 31 1.30 16.51 8.43
N ALA A 32 0.84 15.77 7.41
CA ALA A 32 -0.50 15.97 6.81
C ALA A 32 -1.56 15.12 7.50
N PHE A 33 -1.17 14.18 8.37
CA PHE A 33 -2.10 13.19 8.90
C PHE A 33 -3.26 13.92 9.57
N PRO A 34 -3.04 14.95 10.43
CA PRO A 34 -4.19 15.57 11.07
C PRO A 34 -5.10 16.26 10.05
N GLY A 35 -4.51 16.84 9.00
CA GLY A 35 -5.33 17.44 7.93
C GLY A 35 -6.21 16.40 7.26
N TYR A 36 -5.67 15.18 7.04
CA TYR A 36 -6.48 14.09 6.45
C TYR A 36 -7.66 13.76 7.35
N TRP A 37 -7.49 13.81 8.67
CA TRP A 37 -8.53 13.39 9.62
C TRP A 37 -9.48 14.55 9.83
N ASN A 38 -8.97 15.76 9.79
CA ASN A 38 -9.79 16.90 10.29
C ASN A 38 -10.42 17.64 9.13
N ASP A 39 -9.76 17.76 7.98
CA ASP A 39 -10.10 18.76 6.94
C ASP A 39 -10.50 18.09 5.63
N VAL A 40 -10.54 16.76 5.61
CA VAL A 40 -10.77 16.00 4.34
C VAL A 40 -11.92 15.07 4.60
N PRO A 41 -13.15 15.52 4.31
CA PRO A 41 -14.32 14.73 4.63
C PRO A 41 -14.27 13.34 4.01
N SER A 42 -13.61 13.16 2.85
CA SER A 42 -13.60 11.84 2.15
C SER A 42 -12.80 10.79 2.94
N THR A 43 -11.89 11.19 3.82
CA THR A 43 -11.01 10.21 4.47
C THR A 43 -11.87 9.17 5.17
N SER A 44 -12.80 9.60 6.04
CA SER A 44 -13.66 8.71 6.85
C SER A 44 -14.40 7.74 5.93
N THR A 45 -15.07 8.26 4.92
CA THR A 45 -15.95 7.42 4.08
C THR A 45 -15.12 6.52 3.17
N CYS A 46 -14.04 7.05 2.62
CA CYS A 46 -13.17 6.22 1.74
C CYS A 46 -12.63 5.01 2.51
N LEU A 47 -12.26 5.21 3.76
CA LEU A 47 -11.77 4.10 4.57
C LEU A 47 -12.94 3.21 4.99
N GLN A 48 -14.08 3.78 5.38
CA GLN A 48 -15.30 3.00 5.75
C GLN A 48 -15.79 2.12 4.57
N ASN A 49 -15.64 2.60 3.34
CA ASN A 49 -16.10 1.83 2.17
C ASN A 49 -15.26 0.56 2.06
N LEU A 50 -13.97 0.69 2.35
CA LEU A 50 -13.10 -0.49 2.22
C LEU A 50 -13.42 -1.44 3.38
N LYS A 51 -13.55 -0.93 4.60
CA LYS A 51 -13.95 -1.78 5.75
C LYS A 51 -15.28 -2.50 5.47
N ASP A 52 -16.19 -1.83 4.80
CA ASP A 52 -17.49 -2.43 4.45
C ASP A 52 -17.29 -3.65 3.55
N LEU A 53 -16.28 -3.65 2.67
CA LEU A 53 -16.03 -4.83 1.80
C LEU A 53 -15.45 -5.97 2.65
N SER A 54 -14.36 -5.69 3.38
CA SER A 54 -13.49 -6.73 3.96
C SER A 54 -13.96 -7.16 5.33
N GLY A 55 -14.63 -6.25 6.05
CA GLY A 55 -14.93 -6.44 7.49
C GLY A 55 -13.85 -5.90 8.40
N THR A 56 -12.74 -5.45 7.85
CA THR A 56 -11.59 -4.99 8.65
C THR A 56 -11.23 -3.57 8.21
N TRP A 57 -11.02 -2.66 9.15
CA TRP A 57 -10.49 -1.34 8.78
C TRP A 57 -9.17 -1.51 8.06
N PRO A 58 -8.95 -0.79 6.94
CA PRO A 58 -7.64 -0.86 6.28
C PRO A 58 -6.57 -0.48 7.29
N PRO A 59 -5.46 -1.22 7.36
CA PRO A 59 -4.37 -0.77 8.23
C PRO A 59 -3.83 0.57 7.71
N ILE A 60 -3.34 1.40 8.60
CA ILE A 60 -2.75 2.70 8.22
C ILE A 60 -1.35 2.85 8.81
N ARG A 61 -0.62 3.71 8.15
CA ARG A 61 0.73 4.12 8.51
C ARG A 61 0.85 5.63 8.39
N ILE A 62 1.48 6.26 9.38
CA ILE A 62 1.65 7.72 9.45
C ILE A 62 3.14 7.99 9.49
N GLY A 63 3.67 8.48 8.39
CA GLY A 63 5.10 8.68 8.26
C GLY A 63 5.48 9.31 6.92
N GLY A 64 6.76 9.28 6.60
CA GLY A 64 7.32 9.85 5.39
C GLY A 64 8.47 10.75 5.74
N THR A 65 8.97 11.48 4.76
CA THR A 65 10.15 12.33 4.95
C THR A 65 9.91 13.31 6.10
N THR A 66 8.69 13.80 6.25
CA THR A 66 8.41 14.85 7.25
C THR A 66 8.45 14.22 8.65
N GLN A 67 8.37 12.89 8.83
CA GLN A 67 8.51 12.31 10.19
C GLN A 67 9.94 12.58 10.69
N ASP A 68 10.89 12.70 9.77
CA ASP A 68 12.31 12.97 10.11
C ASP A 68 12.57 14.49 10.07
N ARG A 69 11.52 15.29 10.04
CA ARG A 69 11.61 16.78 10.20
C ARG A 69 10.88 17.20 11.47
N ALA A 70 10.38 16.24 12.24
CA ALA A 70 9.38 16.48 13.30
C ALA A 70 10.01 16.21 14.67
N THR A 71 9.64 17.02 15.65
CA THR A 71 10.03 16.84 17.07
C THR A 71 8.78 16.76 17.93
N TYR A 72 8.75 15.81 18.85
CA TYR A 72 7.64 15.59 19.79
C TYR A 72 7.69 16.69 20.85
N ASP A 73 6.55 17.34 21.05
CA ASP A 73 6.37 18.40 22.07
C ASP A 73 5.33 17.93 23.08
N ALA A 74 5.79 17.35 24.19
CA ALA A 74 4.93 16.67 25.17
C ALA A 74 3.94 17.68 25.78
N SER A 75 4.27 18.96 25.76
CA SER A 75 3.45 19.99 26.45
C SER A 75 2.65 20.82 25.43
N SER A 76 2.63 20.42 24.14
CA SER A 76 1.77 21.07 23.11
C SER A 76 0.35 20.48 23.12
N SER A 77 -0.68 21.33 23.12
CA SER A 77 -2.10 20.86 23.07
C SER A 77 -2.54 20.82 21.60
N GLN A 78 -1.64 21.20 20.69
CA GLN A 78 -1.83 21.08 19.22
C GLN A 78 -1.43 19.67 18.78
N GLN A 79 -2.18 19.09 17.85
CA GLN A 79 -1.77 17.82 17.19
C GLN A 79 -0.49 18.07 16.39
N VAL A 80 -0.46 19.11 15.58
CA VAL A 80 0.74 19.37 14.75
C VAL A 80 0.85 20.89 14.58
N THR A 81 2.06 21.36 14.64
CA THR A 81 2.41 22.79 14.58
C THR A 81 3.50 22.96 13.53
N TYR A 82 3.22 23.77 12.52
CA TYR A 82 4.21 24.06 11.47
C TYR A 82 3.75 25.29 10.70
N THR A 83 4.66 25.83 9.93
CA THR A 83 4.38 26.93 8.99
C THR A 83 4.86 26.50 7.60
N VAL A 84 4.11 26.83 6.57
CA VAL A 84 4.60 26.72 5.16
C VAL A 84 4.31 28.04 4.44
N ALA A 85 5.14 28.41 3.46
CA ALA A 85 4.90 29.64 2.66
C ALA A 85 3.73 29.39 1.72
N ASN A 86 3.63 28.17 1.19
CA ASN A 86 2.62 27.79 0.18
C ASN A 86 1.98 26.48 0.66
N ALA A 87 0.64 26.40 0.67
CA ALA A 87 -0.14 25.25 1.15
C ALA A 87 0.22 23.96 0.39
N GLY A 88 0.85 24.09 -0.79
CA GLY A 88 1.31 22.94 -1.58
C GLY A 88 2.63 22.36 -1.07
N ASP A 89 3.33 23.09 -0.21
CA ASP A 89 4.67 22.70 0.29
C ASP A 89 4.53 21.85 1.54
N ALA A 90 5.51 20.99 1.75
CA ALA A 90 5.68 20.30 3.03
C ALA A 90 6.54 21.19 3.89
N PRO A 91 6.29 21.21 5.21
CA PRO A 91 7.12 22.02 6.09
C PRO A 91 8.57 21.51 6.20
N SER A 92 9.51 22.41 6.45
CA SER A 92 10.94 22.06 6.64
C SER A 92 11.17 21.51 8.06
N THR A 93 10.33 21.92 9.00
CA THR A 93 10.37 21.51 10.43
C THR A 93 8.94 21.56 10.96
N LEU A 94 8.65 20.75 11.97
CA LEU A 94 7.35 20.80 12.64
C LEU A 94 7.53 20.16 14.00
N THR A 95 6.54 20.38 14.84
CA THR A 95 6.37 19.67 16.12
C THR A 95 5.02 18.97 16.13
N PHE A 96 4.87 18.02 17.02
CA PHE A 96 3.59 17.33 17.21
C PHE A 96 3.40 17.07 18.70
N GLY A 97 2.17 17.22 19.13
CA GLY A 97 1.76 17.06 20.53
C GLY A 97 1.38 15.63 20.78
N PRO A 98 1.11 15.27 22.05
CA PRO A 98 0.59 13.95 22.38
C PRO A 98 -0.71 13.67 21.62
N SER A 99 -1.50 14.70 21.37
CA SER A 99 -2.82 14.54 20.74
C SER A 99 -2.62 14.09 19.28
N PHE A 100 -1.43 14.20 18.70
CA PHE A 100 -1.18 13.61 17.35
C PHE A 100 -1.37 12.10 17.45
N MET A 101 -0.78 11.49 18.47
CA MET A 101 -0.88 10.04 18.73
C MET A 101 -2.32 9.73 19.19
N SER A 102 -2.96 10.63 19.98
CA SER A 102 -4.36 10.45 20.38
C SER A 102 -5.28 10.37 19.15
N LEU A 103 -5.03 11.21 18.14
CA LEU A 103 -5.83 11.23 16.90
C LEU A 103 -5.63 9.90 16.17
N ALA A 104 -4.38 9.45 16.04
CA ALA A 104 -4.06 8.10 15.49
C ALA A 104 -4.85 7.06 16.27
N GLY A 105 -4.94 7.22 17.59
CA GLY A 105 -5.59 6.26 18.48
C GLY A 105 -7.10 6.20 18.35
N THR A 106 -7.70 7.15 17.65
CA THR A 106 -9.13 7.09 17.31
C THR A 106 -9.39 6.12 16.18
N TYR A 107 -8.37 5.69 15.45
CA TYR A 107 -8.56 4.71 14.35
C TYR A 107 -8.66 3.31 14.92
N ALA A 108 -9.67 2.57 14.48
CA ALA A 108 -9.86 1.20 14.97
C ALA A 108 -8.96 0.18 14.24
N GLY A 109 -8.51 0.45 13.00
CA GLY A 109 -7.60 -0.48 12.34
C GLY A 109 -6.17 -0.40 12.87
N GLN A 110 -5.33 -1.32 12.43
CA GLN A 110 -3.92 -1.38 12.86
C GLN A 110 -3.25 -0.08 12.48
N VAL A 111 -2.52 0.52 13.43
CA VAL A 111 -1.83 1.81 13.19
C VAL A 111 -0.32 1.61 13.29
N THR A 112 0.40 2.08 12.30
CA THR A 112 1.88 2.18 12.35
C THR A 112 2.21 3.64 12.38
N ILE A 113 3.08 4.07 13.27
CA ILE A 113 3.45 5.51 13.31
C ILE A 113 4.97 5.61 13.18
N GLY A 114 5.45 6.59 12.39
CA GLY A 114 6.88 6.77 12.15
C GLY A 114 7.43 7.95 12.87
N PHE A 115 8.54 7.73 13.57
CA PHE A 115 9.16 8.80 14.34
C PHE A 115 10.56 9.09 13.79
N ASN A 116 11.14 10.15 14.35
CA ASN A 116 12.34 10.80 13.81
C ASN A 116 13.59 10.11 14.29
N ARG A 117 14.41 9.61 13.37
CA ARG A 117 15.81 9.20 13.72
C ARG A 117 16.83 10.15 13.05
N ARG A 118 16.52 10.81 11.94
CA ARG A 118 17.53 11.63 11.23
C ARG A 118 18.12 12.70 12.16
N LEU A 119 17.33 13.30 13.06
CA LEU A 119 17.81 14.42 13.89
C LEU A 119 18.51 13.91 15.16
N ASN A 120 18.61 12.59 15.34
CA ASN A 120 19.42 11.96 16.41
C ASN A 120 18.93 12.44 17.78
N ASN A 121 17.63 12.68 17.98
CA ASN A 121 17.02 13.10 19.27
CA ASN A 121 17.10 13.07 19.32
C ASN A 121 16.44 11.85 19.93
N LEU A 122 17.28 10.95 20.43
CA LEU A 122 16.83 9.62 20.86
C LEU A 122 15.86 9.79 22.02
N ALA A 123 16.16 10.65 23.00
CA ALA A 123 15.26 10.79 24.16
C ALA A 123 13.88 11.22 23.70
N ASN A 124 13.83 12.14 22.75
CA ASN A 124 12.56 12.73 22.27
C ASN A 124 11.74 11.63 21.56
N THR A 125 12.38 10.84 20.70
CA THR A 125 11.72 9.70 19.98
C THR A 125 11.28 8.63 20.98
N VAL A 126 12.06 8.40 22.03
CA VAL A 126 11.63 7.39 23.04
C VAL A 126 10.35 7.91 23.71
N ALA A 127 10.29 9.20 24.05
CA ALA A 127 9.10 9.80 24.70
C ALA A 127 7.91 9.71 23.75
N ALA A 128 8.14 9.96 22.46
CA ALA A 128 7.06 9.85 21.45
C ALA A 128 6.55 8.40 21.41
N ALA A 129 7.44 7.43 21.34
CA ALA A 129 7.09 6.01 21.29
C ALA A 129 6.27 5.63 22.53
N SER A 130 6.74 5.98 23.73
CA SER A 130 5.97 5.68 24.95
C SER A 130 4.58 6.31 24.85
N LYS A 131 4.45 7.54 24.35
CA LYS A 131 3.12 8.18 24.27
C LYS A 131 2.27 7.45 23.24
N ALA A 132 2.87 7.03 22.13
CA ALA A 132 2.15 6.22 21.11
C ALA A 132 1.58 4.97 21.78
N VAL A 133 2.38 4.25 22.56
CA VAL A 133 1.90 2.99 23.21
C VAL A 133 0.71 3.35 24.12
N ASN A 134 0.77 4.49 24.80
CA ASN A 134 -0.28 4.85 25.77
CA ASN A 134 -0.28 4.88 25.75
C ASN A 134 -1.55 5.28 25.00
N GLU A 135 -1.42 5.91 23.81
CA GLU A 135 -2.59 6.58 23.18
C GLU A 135 -3.25 5.72 22.12
N ILE A 136 -2.52 4.78 21.53
CA ILE A 136 -2.95 4.08 20.30
C ILE A 136 -3.21 2.61 20.65
N ASN A 137 -4.46 2.31 20.98
CA ASN A 137 -4.87 0.96 21.38
C ASN A 137 -4.50 -0.05 20.30
N SER A 138 -4.71 0.33 19.03
CA SER A 138 -4.50 -0.54 17.85
C SER A 138 -3.09 -0.35 17.30
N LEU A 139 -2.15 0.12 18.11
CA LEU A 139 -0.76 0.31 17.64
C LEU A 139 -0.24 -1.01 17.11
N HIS A 140 0.29 -1.01 15.91
CA HIS A 140 0.87 -2.18 15.24
C HIS A 140 2.38 -2.15 15.37
N ALA A 141 2.96 -1.02 15.04
CA ALA A 141 4.42 -0.87 14.92
C ALA A 141 4.81 0.60 14.94
N ILE A 142 6.06 0.84 15.29
CA ILE A 142 6.67 2.19 15.34
C ILE A 142 7.92 2.13 14.45
N GLU A 143 8.04 3.05 13.50
CA GLU A 143 9.26 3.21 12.71
C GLU A 143 10.20 4.17 13.44
N LEU A 144 11.49 3.92 13.33
CA LEU A 144 12.54 4.77 13.88
C LEU A 144 13.31 5.27 12.67
N GLY A 145 12.81 6.37 12.10
CA GLY A 145 13.40 6.88 10.86
C GLY A 145 12.72 6.32 9.62
N ASN A 146 12.66 7.18 8.60
CA ASN A 146 12.05 6.88 7.30
C ASN A 146 13.13 6.97 6.20
N GLU A 147 13.17 6.00 5.31
CA GLU A 147 14.11 5.97 4.16
C GLU A 147 15.48 6.47 4.63
N PRO A 148 16.09 5.76 5.60
CA PRO A 148 17.41 6.13 6.09
C PRO A 148 18.50 6.06 5.01
N ASN A 149 18.22 5.36 3.92
CA ASN A 149 19.08 5.28 2.73
C ASN A 149 19.27 6.67 2.13
N PHE A 150 18.40 7.65 2.42
CA PHE A 150 18.54 9.02 1.87
C PHE A 150 19.13 9.98 2.89
N PHE A 151 19.44 9.53 4.10
CA PHE A 151 20.20 10.39 5.04
C PHE A 151 21.60 10.56 4.48
N SER A 152 22.32 11.57 4.96
CA SER A 152 23.70 11.82 4.52
C SER A 152 24.58 12.09 5.73
N GLY A 153 25.85 12.27 5.41
CA GLY A 153 26.89 12.57 6.40
C GLY A 153 26.63 13.87 7.07
N SER A 154 25.85 14.76 6.49
CA SER A 154 25.53 16.06 7.11
C SER A 154 24.37 15.91 8.09
N ASP A 155 23.64 14.77 8.17
CA ASP A 155 22.50 14.65 9.14
C ASP A 155 23.07 14.33 10.53
N PRO A 156 22.38 14.78 11.61
CA PRO A 156 22.83 14.53 12.98
C PRO A 156 23.09 13.05 13.23
N ILE A 157 22.21 12.20 12.72
CA ILE A 157 22.32 10.73 13.01
C ILE A 157 23.69 10.20 12.53
N ALA A 158 24.28 10.78 11.48
CA ALA A 158 25.55 10.30 10.86
C ALA A 158 26.73 10.61 11.78
N GLN A 159 26.56 11.53 12.75
CA GLN A 159 27.56 11.80 13.82
C GLN A 159 28.89 12.19 13.15
N GLY A 160 28.81 13.00 12.08
CA GLY A 160 29.95 13.62 11.39
C GLY A 160 30.76 12.63 10.59
N SER A 161 30.25 11.42 10.39
CA SER A 161 30.90 10.34 9.62
C SER A 161 30.03 9.92 8.43
N SER A 162 30.63 9.22 7.47
CA SER A 162 29.90 8.81 6.26
C SER A 162 28.70 7.97 6.70
N TRP A 163 27.56 8.22 6.07
CA TRP A 163 26.33 7.45 6.32
C TRP A 163 26.27 6.30 5.32
N THR A 164 26.63 5.13 5.80
CA THR A 164 26.71 3.86 5.04
C THR A 164 25.60 2.91 5.48
N ALA A 165 25.39 1.82 4.73
CA ALA A 165 24.43 0.76 5.12
C ALA A 165 24.79 0.26 6.52
N SER A 166 26.07 -0.03 6.76
CA SER A 166 26.54 -0.54 8.07
C SER A 166 26.23 0.46 9.17
N ALA A 167 26.43 1.75 8.92
CA ALA A 167 26.14 2.82 9.89
C ALA A 167 24.65 2.76 10.19
N ASP A 168 23.80 2.68 9.17
CA ASP A 168 22.35 2.63 9.43
C ASP A 168 22.01 1.39 10.28
N TYR A 169 22.50 0.21 9.91
CA TYR A 169 22.06 -1.04 10.54
C TYR A 169 22.43 -1.01 12.02
N ALA A 170 23.64 -0.55 12.31
CA ALA A 170 24.09 -0.39 13.70
C ALA A 170 23.22 0.62 14.43
N SER A 171 22.94 1.76 13.80
CA SER A 171 22.03 2.80 14.35
C SER A 171 20.67 2.17 14.66
N GLU A 172 20.09 1.44 13.70
CA GLU A 172 18.76 0.84 13.92
C GLU A 172 18.80 -0.11 15.13
N VAL A 173 19.83 -0.95 15.26
CA VAL A 173 19.90 -1.87 16.43
C VAL A 173 19.94 -1.06 17.73
N THR A 174 20.74 -0.02 17.80
CA THR A 174 20.88 0.80 19.02
C THR A 174 19.53 1.47 19.32
N TRP A 175 18.87 2.01 18.29
CA TRP A 175 17.58 2.73 18.50
C TRP A 175 16.48 1.74 18.86
N GLN A 176 16.48 0.54 18.28
CA GLN A 176 15.49 -0.50 18.66
C GLN A 176 15.71 -0.86 20.14
N ASP A 177 16.96 -1.02 20.54
CA ASP A 177 17.30 -1.47 21.91
C ASP A 177 16.87 -0.38 22.89
N ALA A 178 17.18 0.88 22.58
CA ALA A 178 16.84 2.00 23.49
C ALA A 178 15.33 2.15 23.60
N VAL A 179 14.62 2.12 22.47
CA VAL A 179 13.16 2.35 22.51
C VAL A 179 12.48 1.20 23.25
N CYS A 180 12.77 -0.04 22.86
CA CYS A 180 12.15 -1.23 23.47
C CYS A 180 12.62 -1.41 24.92
N GLY A 181 13.86 -1.08 25.23
CA GLY A 181 14.35 -1.20 26.62
C GLY A 181 13.61 -0.23 27.51
N ASN A 182 13.44 1.00 27.02
CA ASN A 182 12.71 2.00 27.78
C ASN A 182 11.23 1.64 27.96
N LEU A 183 10.60 1.07 26.95
CA LEU A 183 9.16 0.76 27.00
C LEU A 183 8.93 -0.62 27.59
N SER A 184 9.96 -1.38 27.96
CA SER A 184 9.81 -2.80 28.34
C SER A 184 8.93 -3.50 27.30
N ALA A 185 9.25 -3.34 26.03
CA ALA A 185 8.42 -3.77 24.89
C ALA A 185 9.25 -4.66 23.99
N SER A 186 8.58 -5.50 23.22
CA SER A 186 9.22 -6.30 22.15
C SER A 186 8.27 -6.33 20.97
N ASN A 187 8.76 -6.82 19.84
CA ASN A 187 7.85 -7.09 18.69
C ASN A 187 7.17 -5.78 18.31
N LEU A 188 7.89 -4.68 18.32
CA LEU A 188 7.27 -3.33 18.21
C LEU A 188 7.73 -2.54 16.99
N ILE A 189 8.99 -2.73 16.57
CA ILE A 189 9.64 -1.78 15.61
C ILE A 189 9.38 -2.22 14.16
N SER A 190 9.00 -1.26 13.33
CA SER A 190 8.96 -1.44 11.87
C SER A 190 10.34 -1.04 11.34
N ALA A 191 11.17 -2.04 11.06
CA ALA A 191 12.62 -1.83 10.88
C ALA A 191 12.95 -1.66 9.41
N GLY A 192 14.10 -1.03 9.10
CA GLY A 192 14.54 -0.71 7.74
C GLY A 192 13.86 0.54 7.21
N VAL A 193 12.71 0.38 6.60
CA VAL A 193 11.92 1.51 6.03
C VAL A 193 12.69 2.08 4.84
N PHE A 194 13.34 1.18 4.10
CA PHE A 194 14.28 1.57 3.01
C PHE A 194 13.56 1.81 1.70
N PHE A 195 13.93 2.89 1.00
CA PHE A 195 13.53 3.10 -0.41
C PHE A 195 14.31 2.12 -1.27
N GLY A 196 13.60 1.20 -1.90
CA GLY A 196 14.18 0.11 -2.69
C GLY A 196 15.12 -0.76 -1.89
N THR A 197 16.14 -1.33 -2.54
CA THR A 197 16.93 -2.44 -1.97
C THR A 197 18.43 -2.12 -2.01
N SER A 198 18.80 -0.89 -2.39
CA SER A 198 20.20 -0.43 -2.51
C SER A 198 20.20 1.07 -2.33
N PRO A 199 21.12 1.69 -1.55
CA PRO A 199 22.25 0.99 -0.91
C PRO A 199 22.00 0.26 0.40
N MET A 200 20.78 0.34 0.94
CA MET A 200 20.39 -0.37 2.19
CA MET A 200 20.43 -0.40 2.16
C MET A 200 19.35 -1.42 1.83
N SER A 201 19.35 -2.54 2.53
CA SER A 201 18.41 -3.64 2.28
C SER A 201 17.99 -4.31 3.59
N ILE A 202 16.79 -4.84 3.63
CA ILE A 202 16.33 -5.76 4.68
C ILE A 202 17.28 -6.98 4.75
N ALA A 203 17.75 -7.53 3.63
CA ALA A 203 18.71 -8.66 3.67
C ALA A 203 19.94 -8.23 4.47
N GLY A 204 20.44 -7.01 4.27
CA GLY A 204 21.63 -6.57 5.03
C GLY A 204 21.29 -6.33 6.49
N LEU A 205 20.17 -5.69 6.76
CA LEU A 205 19.80 -5.32 8.14
C LEU A 205 19.58 -6.60 8.95
N THR A 206 18.82 -7.56 8.42
CA THR A 206 18.46 -8.79 9.16
C THR A 206 19.74 -9.50 9.58
N ALA A 207 20.78 -9.41 8.74
CA ALA A 207 22.09 -10.08 8.99
C ALA A 207 22.71 -9.57 10.29
N VAL A 208 22.45 -8.30 10.63
CA VAL A 208 23.05 -7.48 11.73
C VAL A 208 22.15 -7.48 12.97
N GLU A 209 20.83 -7.64 12.82
CA GLU A 209 19.87 -7.48 13.96
C GLU A 209 20.27 -8.34 15.15
N GLY A 210 20.64 -9.60 14.91
CA GLY A 210 20.87 -10.57 16.00
C GLY A 210 19.70 -10.57 16.97
N GLN A 211 19.97 -10.42 18.26
CA GLN A 211 18.93 -10.54 19.31
C GLN A 211 17.98 -9.34 19.23
N ALA A 212 18.38 -8.24 18.56
CA ALA A 212 17.52 -7.06 18.37
C ALA A 212 16.31 -7.43 17.46
N ASN A 213 16.32 -8.57 16.79
CA ASN A 213 15.12 -9.01 16.02
C ASN A 213 13.90 -9.18 16.94
N SER A 214 14.09 -9.52 18.22
CA SER A 214 12.92 -9.69 19.12
C SER A 214 12.21 -8.34 19.33
N TYR A 215 12.89 -7.25 19.07
CA TYR A 215 12.30 -5.88 19.17
C TYR A 215 11.50 -5.55 17.91
N VAL A 216 11.76 -6.28 16.85
CA VAL A 216 11.14 -5.93 15.53
C VAL A 216 9.75 -6.56 15.43
N ARG A 217 8.82 -5.80 14.89
CA ARG A 217 7.48 -6.28 14.58
C ARG A 217 7.43 -6.76 13.11
N GLN A 218 8.09 -6.03 12.25
CA GLN A 218 8.03 -6.28 10.80
C GLN A 218 9.22 -5.58 10.15
N TYR A 219 9.62 -6.03 9.00
CA TYR A 219 10.64 -5.36 8.15
C TYR A 219 9.90 -4.64 7.03
N CYS A 220 10.34 -3.43 6.72
CA CYS A 220 9.58 -2.48 5.87
C CYS A 220 10.42 -2.01 4.68
N SER A 221 9.80 -2.11 3.52
CA SER A 221 10.34 -1.62 2.24
C SER A 221 9.45 -0.46 1.79
N HIS A 222 10.04 0.45 1.06
CA HIS A 222 9.29 1.41 0.23
C HIS A 222 9.54 1.09 -1.23
N ASN A 223 8.49 1.27 -2.02
CA ASN A 223 8.57 0.98 -3.48
C ASN A 223 7.78 2.03 -4.25
N TYR A 224 8.47 2.75 -5.13
CA TYR A 224 7.85 3.65 -6.12
C TYR A 224 8.41 3.21 -7.45
N PRO A 225 7.64 2.54 -8.31
CA PRO A 225 8.18 2.05 -9.58
C PRO A 225 8.76 3.15 -10.49
N GLN A 226 8.22 4.35 -10.46
CA GLN A 226 8.59 5.43 -11.43
C GLN A 226 8.86 6.73 -10.70
N SER A 227 9.49 7.64 -11.41
CA SER A 227 9.62 9.05 -10.97
C SER A 227 8.84 9.90 -11.98
N LYS A 228 8.73 11.21 -11.74
CA LYS A 228 8.13 12.07 -12.79
C LYS A 228 8.91 11.89 -14.10
N SER A 229 10.21 11.60 -14.02
CA SER A 229 11.11 11.49 -15.21
C SER A 229 10.97 10.15 -15.93
N THR A 230 10.64 9.04 -15.26
CA THR A 230 10.53 7.72 -15.94
C THR A 230 9.04 7.44 -16.15
N ALA A 231 8.17 8.45 -15.98
CA ALA A 231 6.71 8.26 -16.04
C ALA A 231 6.36 7.60 -17.38
N ASN A 232 5.76 6.42 -17.30
CA ASN A 232 5.18 5.74 -18.46
C ASN A 232 4.04 4.87 -17.94
N LEU A 233 2.82 5.19 -18.34
CA LEU A 233 1.65 4.49 -17.78
C LEU A 233 1.62 3.04 -18.30
N ALA A 234 1.88 2.80 -19.60
CA ALA A 234 1.87 1.42 -20.12
C ALA A 234 2.84 0.55 -19.32
N ASN A 235 4.04 1.08 -19.05
CA ASN A 235 5.09 0.29 -18.39
C ASN A 235 4.68 0.03 -16.96
N LEU A 236 4.10 1.02 -16.29
CA LEU A 236 3.68 0.92 -14.88
C LEU A 236 2.69 -0.23 -14.71
N MET A 237 1.68 -0.29 -15.58
CA MET A 237 0.48 -1.13 -15.35
C MET A 237 0.67 -2.51 -15.98
N SER A 238 1.70 -2.65 -16.83
CA SER A 238 2.00 -3.92 -17.51
C SER A 238 2.02 -5.08 -16.50
N HIS A 239 1.30 -6.14 -16.77
CA HIS A 239 1.26 -7.28 -15.82
C HIS A 239 2.65 -7.91 -15.68
N SER A 240 3.29 -8.22 -16.80
CA SER A 240 4.65 -8.81 -16.75
C SER A 240 5.64 -7.76 -16.26
N GLY A 241 5.42 -6.47 -16.52
CA GLY A 241 6.33 -5.44 -16.04
C GLY A 241 6.29 -5.34 -14.53
N ILE A 242 5.11 -5.49 -13.94
CA ILE A 242 4.99 -5.49 -12.46
C ILE A 242 5.79 -6.64 -11.87
N ALA A 243 5.68 -7.84 -12.44
CA ALA A 243 6.44 -9.02 -11.97
C ALA A 243 7.94 -8.71 -11.94
N SER A 244 8.48 -8.13 -13.01
CA SER A 244 9.91 -7.70 -13.04
C SER A 244 10.17 -6.66 -11.97
N GLN A 245 9.30 -5.66 -11.88
CA GLN A 245 9.53 -4.51 -10.99
C GLN A 245 9.64 -4.94 -9.53
N ILE A 246 8.86 -5.90 -9.10
CA ILE A 246 8.86 -6.30 -7.66
C ILE A 246 9.95 -7.32 -7.35
N LYS A 247 10.49 -7.98 -8.37
CA LYS A 247 11.42 -9.11 -8.18
C LYS A 247 12.58 -8.78 -7.22
N PRO A 248 13.22 -7.59 -7.22
CA PRO A 248 14.28 -7.29 -6.25
C PRO A 248 13.85 -7.38 -4.77
N PHE A 249 12.56 -7.28 -4.52
CA PHE A 249 12.03 -7.34 -3.14
C PHE A 249 11.88 -8.79 -2.69
N ALA A 250 11.97 -9.76 -3.60
CA ALA A 250 11.76 -11.16 -3.16
C ALA A 250 12.79 -11.54 -2.10
N LYS A 251 14.03 -11.12 -2.29
CA LYS A 251 15.15 -11.37 -1.33
C LYS A 251 14.84 -10.71 0.03
N GLU A 252 14.21 -9.55 -0.03
CA GLU A 252 13.87 -8.76 1.16
C GLU A 252 12.81 -9.51 1.96
N VAL A 253 11.74 -9.94 1.28
CA VAL A 253 10.67 -10.74 1.90
C VAL A 253 11.29 -12.01 2.50
N ALA A 254 12.09 -12.75 1.74
CA ALA A 254 12.72 -14.01 2.24
C ALA A 254 13.48 -13.70 3.55
N ALA A 255 14.23 -12.60 3.58
CA ALA A 255 15.08 -12.22 4.73
C ALA A 255 14.22 -11.90 5.95
N ALA A 256 13.08 -11.24 5.77
CA ALA A 256 12.18 -10.92 6.90
C ALA A 256 11.59 -12.22 7.41
N LEU A 257 11.06 -13.06 6.51
CA LEU A 257 10.29 -14.25 6.94
C LEU A 257 11.23 -15.30 7.58
N ALA A 258 12.50 -15.30 7.18
CA ALA A 258 13.55 -16.14 7.80
C ALA A 258 13.73 -15.77 9.29
N LYS A 259 13.45 -14.54 9.70
CA LYS A 259 13.51 -14.04 11.09
C LYS A 259 12.16 -14.16 11.77
N ASN A 260 11.19 -14.83 11.14
CA ASN A 260 9.80 -14.98 11.64
C ASN A 260 9.14 -13.61 11.84
N LYS A 261 9.43 -12.66 10.93
CA LYS A 261 8.85 -11.30 11.00
C LYS A 261 8.24 -11.00 9.65
N PRO A 262 7.01 -10.46 9.62
CA PRO A 262 6.41 -10.13 8.32
C PRO A 262 7.19 -9.05 7.57
N HIS A 263 7.06 -9.08 6.25
CA HIS A 263 7.51 -8.00 5.35
C HIS A 263 6.30 -7.12 5.04
N VAL A 264 6.50 -5.80 5.02
CA VAL A 264 5.47 -4.88 4.44
C VAL A 264 6.10 -3.92 3.43
N PHE A 265 5.30 -3.48 2.47
CA PHE A 265 5.58 -2.22 1.74
C PHE A 265 4.90 -1.13 2.56
N GLY A 266 5.61 -0.55 3.52
CA GLY A 266 5.05 0.44 4.44
C GLY A 266 4.88 1.78 3.82
N GLU A 267 5.37 2.00 2.60
CA GLU A 267 5.04 3.22 1.87
C GLU A 267 5.27 2.94 0.40
N THR A 268 4.22 3.05 -0.40
CA THR A 268 4.34 2.71 -1.82
C THR A 268 3.32 3.52 -2.61
N ASN A 269 3.72 3.92 -3.81
CA ASN A 269 2.73 4.44 -4.75
C ASN A 269 3.35 4.50 -6.12
N SER A 270 2.64 5.07 -7.08
CA SER A 270 3.00 4.85 -8.51
C SER A 270 4.33 5.52 -8.83
N ALA A 271 4.51 6.77 -8.41
CA ALA A 271 5.67 7.63 -8.79
C ALA A 271 5.99 8.67 -7.71
N THR A 272 7.27 9.00 -7.61
CA THR A 272 7.88 9.73 -6.48
C THR A 272 7.49 11.21 -6.47
N GLN A 273 7.81 11.92 -5.37
CA GLN A 273 7.71 13.39 -5.25
C GLN A 273 6.23 13.78 -5.31
N GLY A 274 5.34 12.93 -4.79
CA GLY A 274 3.88 13.20 -4.79
C GLY A 274 3.19 12.67 -6.05
N GLY A 275 3.94 12.08 -6.99
CA GLY A 275 3.41 11.54 -8.26
C GLY A 275 3.63 12.49 -9.42
N GLY A 276 3.45 12.00 -10.65
CA GLY A 276 3.49 12.80 -11.89
C GLY A 276 2.22 12.65 -12.70
N GLY A 277 2.25 12.99 -14.02
CA GLY A 277 1.05 13.05 -14.87
C GLY A 277 0.32 11.74 -15.00
N ILE A 278 0.98 10.61 -14.75
CA ILE A 278 0.36 9.27 -14.89
C ILE A 278 -0.30 8.84 -13.57
N SER A 279 0.03 9.49 -12.47
CA SER A 279 -0.40 9.00 -11.13
C SER A 279 -1.90 9.13 -10.92
N PRO A 280 -2.64 10.16 -11.43
CA PRO A 280 -4.08 10.26 -11.19
C PRO A 280 -4.94 9.43 -12.15
N THR A 281 -4.34 8.55 -12.93
CA THR A 281 -5.09 7.85 -13.99
C THR A 281 -5.66 6.51 -13.54
N TYR A 282 -6.65 6.06 -14.28
CA TYR A 282 -7.25 4.73 -14.15
C TYR A 282 -6.13 3.71 -14.24
N GLY A 283 -5.21 3.84 -15.20
CA GLY A 283 -4.15 2.85 -15.40
C GLY A 283 -3.31 2.68 -14.13
N ALA A 284 -3.13 3.76 -13.38
CA ALA A 284 -2.38 3.72 -12.12
C ALA A 284 -3.20 2.92 -11.11
N GLY A 285 -4.53 3.01 -11.12
CA GLY A 285 -5.38 2.14 -10.32
C GLY A 285 -5.23 0.69 -10.69
N LEU A 286 -5.16 0.41 -11.99
CA LEU A 286 -4.94 -0.98 -12.45
C LEU A 286 -3.56 -1.48 -12.05
N TRP A 287 -2.56 -0.63 -12.09
CA TRP A 287 -1.22 -0.98 -11.53
C TRP A 287 -1.38 -1.43 -10.08
N LEU A 288 -2.05 -0.59 -9.32
CA LEU A 288 -2.22 -0.79 -7.86
C LEU A 288 -2.83 -2.17 -7.63
N LEU A 289 -3.91 -2.46 -8.34
CA LEU A 289 -4.65 -3.71 -8.20
C LEU A 289 -3.71 -4.89 -8.44
N ASP A 290 -3.01 -4.87 -9.56
CA ASP A 290 -2.23 -6.07 -9.92
C ASP A 290 -0.98 -6.19 -9.04
N TYR A 291 -0.41 -5.06 -8.72
CA TYR A 291 0.80 -4.97 -7.86
C TYR A 291 0.47 -5.57 -6.50
N VAL A 292 -0.68 -5.22 -5.97
CA VAL A 292 -1.11 -5.79 -4.66
C VAL A 292 -1.12 -7.33 -4.77
N MET A 293 -1.78 -7.88 -5.78
CA MET A 293 -1.90 -9.35 -5.89
C MET A 293 -0.51 -9.99 -6.02
N GLN A 294 0.38 -9.46 -6.84
CA GLN A 294 1.72 -10.06 -7.05
C GLN A 294 2.54 -9.91 -5.78
N ALA A 295 2.43 -8.76 -5.08
CA ALA A 295 3.25 -8.52 -3.89
C ALA A 295 2.81 -9.52 -2.80
N LEU A 296 1.53 -9.80 -2.66
CA LEU A 296 1.06 -10.69 -1.59
C LEU A 296 1.54 -12.11 -1.90
N ILE A 297 1.48 -12.52 -3.17
CA ILE A 297 1.95 -13.90 -3.53
C ILE A 297 3.45 -13.94 -3.25
N MET A 298 4.19 -12.90 -3.60
CA MET A 298 5.64 -12.84 -3.29
C MET A 298 5.90 -13.02 -1.78
N GLY A 299 4.99 -12.61 -0.89
CA GLY A 299 5.07 -12.90 0.55
C GLY A 299 4.93 -11.67 1.42
N THR A 300 4.76 -10.47 0.85
CA THR A 300 4.49 -9.29 1.67
C THR A 300 3.16 -9.51 2.41
N GLU A 301 3.00 -8.92 3.58
CA GLU A 301 1.75 -9.04 4.34
C GLU A 301 0.78 -7.90 3.97
N THR A 302 1.30 -6.69 3.83
CA THR A 302 0.47 -5.47 3.75
C THR A 302 1.18 -4.50 2.83
N LEU A 303 0.40 -3.77 2.06
CA LEU A 303 0.92 -2.64 1.29
C LEU A 303 0.19 -1.38 1.73
N TYR A 304 0.96 -0.35 1.99
CA TYR A 304 0.44 0.94 2.49
C TYR A 304 0.69 2.04 1.44
N PHE A 305 -0.40 2.43 0.77
CA PHE A 305 -0.30 3.37 -0.37
C PHE A 305 -0.28 4.81 0.11
N HIS A 306 0.76 5.52 -0.28
CA HIS A 306 1.04 6.87 0.27
C HIS A 306 0.05 7.92 -0.20
N HIS A 307 -0.27 8.81 0.72
CA HIS A 307 -1.11 10.01 0.53
C HIS A 307 -0.33 11.20 1.03
N GLY A 308 -0.04 12.14 0.13
CA GLY A 308 0.90 13.24 0.38
C GLY A 308 0.15 14.50 0.68
N THR A 309 0.86 15.60 0.43
CA THR A 309 0.39 16.96 0.72
C THR A 309 -1.02 17.10 0.15
N ILE A 310 -1.94 17.52 1.00
CA ILE A 310 -3.35 17.76 0.59
C ILE A 310 -3.37 18.91 -0.44
N GLY A 311 -3.93 18.65 -1.61
CA GLY A 311 -3.97 19.62 -2.74
C GLY A 311 -2.71 19.62 -3.58
N ASN A 312 -1.73 18.76 -3.29
CA ASN A 312 -0.52 18.68 -4.12
C ASN A 312 -0.07 17.22 -4.10
N CYS A 313 -0.97 16.36 -4.52
CA CYS A 313 -0.70 14.89 -4.46
C CYS A 313 -1.33 14.20 -5.66
N GLN A 314 -0.52 13.77 -6.62
CA GLN A 314 -1.07 13.17 -7.87
C GLN A 314 -1.45 11.71 -7.65
N TYR A 315 -0.93 11.00 -6.65
CA TYR A 315 -1.18 9.54 -6.51
C TYR A 315 -2.23 9.26 -5.43
N CYS A 316 -2.82 10.29 -4.84
CA CYS A 316 -3.82 10.15 -3.76
C CYS A 316 -5.11 9.52 -4.30
N TRP A 317 -5.77 8.69 -3.49
CA TRP A 317 -7.05 8.04 -3.84
C TRP A 317 -8.17 9.07 -3.73
N TRP A 318 -7.97 10.07 -2.89
CA TRP A 318 -9.00 11.10 -2.67
C TRP A 318 -8.31 12.38 -2.21
N GLY A 319 -9.02 13.47 -2.35
CA GLY A 319 -8.62 14.76 -1.78
C GLY A 319 -9.81 15.42 -1.16
N LYS A 320 -9.64 16.71 -0.86
CA LYS A 320 -10.71 17.51 -0.22
C LYS A 320 -11.91 17.62 -1.16
N TYR A 321 -11.66 17.82 -2.45
CA TYR A 321 -12.73 18.25 -3.39
C TYR A 321 -13.04 17.15 -4.41
N SER A 322 -12.14 16.21 -4.63
CA SER A 322 -12.28 15.24 -5.74
C SER A 322 -11.80 13.87 -5.29
N MET A 323 -12.34 12.90 -5.98
CA MET A 323 -11.85 11.50 -5.97
C MET A 323 -10.75 11.35 -7.02
N GLY A 324 -9.89 10.35 -6.80
CA GLY A 324 -8.84 9.99 -7.77
C GLY A 324 -9.13 8.64 -8.39
N SER A 325 -8.89 8.49 -9.69
CA SER A 325 -9.05 7.19 -10.38
C SER A 325 -8.37 6.06 -9.61
N PRO A 326 -7.17 6.23 -9.01
CA PRO A 326 -6.55 5.09 -8.36
C PRO A 326 -7.37 4.45 -7.25
N TYR A 327 -8.26 5.19 -6.59
CA TYR A 327 -9.11 4.59 -5.56
C TYR A 327 -9.86 3.36 -6.07
N PHE A 328 -10.24 3.38 -7.35
CA PHE A 328 -10.97 2.25 -7.94
C PHE A 328 -10.13 0.97 -7.86
N GLY A 329 -8.81 1.09 -8.01
CA GLY A 329 -7.92 -0.08 -7.95
C GLY A 329 -7.85 -0.64 -6.53
N ALA A 330 -7.76 0.26 -5.57
CA ALA A 330 -7.75 -0.06 -4.14
C ALA A 330 -9.08 -0.71 -3.74
N TYR A 331 -10.18 -0.18 -4.22
CA TYR A 331 -11.52 -0.70 -3.91
C TYR A 331 -11.66 -2.10 -4.51
N PHE A 332 -11.26 -2.25 -5.78
CA PHE A 332 -11.41 -3.54 -6.47
C PHE A 332 -10.50 -4.57 -5.84
N ALA A 333 -9.29 -4.18 -5.45
CA ALA A 333 -8.36 -5.09 -4.78
C ALA A 333 -8.96 -5.56 -3.46
N THR A 334 -9.50 -4.62 -2.73
CA THR A 334 -10.12 -4.89 -1.39
C THR A 334 -11.29 -5.86 -1.57
N MET A 335 -12.12 -5.62 -2.57
CA MET A 335 -13.25 -6.49 -2.93
C MET A 335 -12.71 -7.89 -3.30
N ALA A 336 -11.66 -7.97 -4.12
CA ALA A 336 -11.16 -9.29 -4.58
C ALA A 336 -10.72 -10.13 -3.39
N LEU A 337 -10.09 -9.49 -2.41
CA LEU A 337 -9.42 -10.19 -1.29
C LEU A 337 -10.33 -10.38 -0.10
N ALA A 338 -11.51 -9.77 -0.08
CA ALA A 338 -12.38 -9.64 1.11
C ALA A 338 -12.65 -11.05 1.65
N GLY A 339 -12.24 -11.29 2.90
CA GLY A 339 -12.48 -12.55 3.60
C GLY A 339 -11.72 -13.70 2.99
N ALA A 340 -10.80 -13.47 2.06
CA ALA A 340 -10.06 -14.54 1.41
C ALA A 340 -8.86 -14.94 2.24
N ASN A 341 -8.56 -16.24 2.23
CA ASN A 341 -7.39 -16.82 2.93
C ASN A 341 -6.16 -16.84 2.02
N LYS A 342 -6.31 -17.08 0.73
CA LYS A 342 -5.16 -17.27 -0.15
C LYS A 342 -5.47 -16.85 -1.58
N ILE A 343 -4.41 -16.55 -2.32
CA ILE A 343 -4.52 -16.19 -3.75
C ILE A 343 -3.39 -16.89 -4.47
N ALA A 344 -3.66 -17.32 -5.70
CA ALA A 344 -2.63 -17.99 -6.51
C ALA A 344 -2.65 -17.44 -7.92
N PRO A 345 -1.46 -17.33 -8.54
CA PRO A 345 -1.37 -16.92 -9.94
C PRO A 345 -1.64 -18.09 -10.89
N LEU A 346 -2.66 -17.99 -11.73
CA LEU A 346 -2.93 -19.04 -12.73
C LEU A 346 -2.10 -18.85 -14.00
N ASP A 347 -1.77 -17.61 -14.35
CA ASP A 347 -0.88 -17.31 -15.48
C ASP A 347 0.57 -17.37 -15.01
N ASP A 348 1.48 -17.27 -15.98
CA ASP A 348 2.92 -17.40 -15.71
C ASP A 348 3.63 -16.03 -15.68
N GLN A 349 2.87 -14.92 -15.69
CA GLN A 349 3.35 -13.51 -15.60
C GLN A 349 4.32 -13.13 -16.71
N THR A 350 4.24 -13.78 -17.85
CA THR A 350 5.10 -13.42 -19.01
C THR A 350 4.33 -12.56 -20.00
N THR A 351 3.04 -12.32 -19.78
CA THR A 351 2.21 -11.55 -20.74
C THR A 351 1.46 -10.43 -20.04
N GLY A 352 0.66 -9.69 -20.84
CA GLY A 352 -0.22 -8.62 -20.36
C GLY A 352 -1.44 -9.10 -19.61
N TYR A 353 -1.70 -10.40 -19.53
CA TYR A 353 -3.00 -10.99 -19.10
C TYR A 353 -2.78 -11.81 -17.85
N ALA A 354 -3.54 -11.48 -16.81
CA ALA A 354 -3.40 -12.08 -15.47
C ALA A 354 -4.67 -12.82 -15.12
N ALA A 355 -4.54 -13.91 -14.37
CA ALA A 355 -5.68 -14.62 -13.78
C ALA A 355 -5.24 -15.17 -12.43
N TYR A 356 -6.02 -14.89 -11.40
CA TYR A 356 -5.72 -15.29 -10.02
C TYR A 356 -6.89 -16.03 -9.42
N ALA A 357 -6.63 -17.19 -8.85
CA ALA A 357 -7.66 -17.92 -8.09
C ALA A 357 -7.58 -17.46 -6.64
N ILE A 358 -8.73 -17.18 -6.09
CA ILE A 358 -8.84 -16.68 -4.71
C ILE A 358 -9.61 -17.69 -3.87
N TYR A 359 -9.01 -18.09 -2.75
CA TYR A 359 -9.47 -19.23 -1.89
C TYR A 359 -9.97 -18.68 -0.57
N LYS A 360 -11.00 -19.34 -0.03
CA LYS A 360 -11.43 -19.17 1.37
C LYS A 360 -11.61 -20.58 1.91
N ASP A 361 -11.01 -20.90 3.05
CA ASP A 361 -11.14 -22.25 3.64
C ASP A 361 -10.66 -23.28 2.61
N ASP A 362 -9.58 -22.97 1.88
CA ASP A 362 -8.92 -23.86 0.89
C ASP A 362 -9.87 -24.23 -0.28
N LYS A 363 -10.92 -23.44 -0.52
CA LYS A 363 -11.89 -23.67 -1.64
C LYS A 363 -11.87 -22.42 -2.53
N PRO A 364 -11.92 -22.58 -3.86
CA PRO A 364 -11.91 -21.41 -4.74
C PRO A 364 -13.24 -20.66 -4.61
N ILE A 365 -13.16 -19.37 -4.36
CA ILE A 365 -14.39 -18.55 -4.25
C ILE A 365 -14.48 -17.45 -5.29
N ARG A 366 -13.37 -17.02 -5.86
CA ARG A 366 -13.37 -15.99 -6.87
C ARG A 366 -12.18 -16.15 -7.76
N VAL A 367 -12.29 -15.56 -8.94
CA VAL A 367 -11.17 -15.44 -9.87
C VAL A 367 -11.08 -13.99 -10.27
N LEU A 368 -9.87 -13.46 -10.21
CA LEU A 368 -9.62 -12.06 -10.63
C LEU A 368 -8.91 -12.14 -11.97
N LEU A 369 -9.46 -11.48 -12.99
CA LEU A 369 -8.88 -11.45 -14.35
C LEU A 369 -8.46 -10.01 -14.64
N TYR A 370 -7.34 -9.80 -15.31
CA TYR A 370 -6.81 -8.45 -15.59
C TYR A 370 -6.22 -8.42 -16.99
N ASN A 371 -6.66 -7.41 -17.76
CA ASN A 371 -6.08 -7.07 -19.09
C ASN A 371 -5.31 -5.80 -18.94
N SER A 372 -3.96 -5.89 -18.87
CA SER A 372 -3.07 -4.74 -18.60
C SER A 372 -2.74 -3.96 -19.87
N ASP A 373 -3.29 -4.34 -21.00
CA ASP A 373 -2.90 -3.66 -22.26
C ASP A 373 -3.28 -2.18 -22.19
N TYR A 374 -2.37 -1.34 -22.60
CA TYR A 374 -2.52 0.13 -22.61
C TYR A 374 -3.42 0.56 -23.76
N TYR A 375 -4.32 1.51 -23.50
CA TYR A 375 -5.37 1.89 -24.48
C TYR A 375 -5.72 3.37 -24.34
N THR A 376 -5.58 4.16 -25.41
CA THR A 376 -6.04 5.60 -25.36
C THR A 376 -6.85 5.96 -26.60
N SER A 377 -6.73 5.24 -27.70
CA SER A 377 -7.40 5.73 -28.92
C SER A 377 -7.63 4.63 -29.91
N GLY A 378 -8.64 4.84 -30.75
CA GLY A 378 -8.95 3.89 -31.80
C GLY A 378 -9.74 2.71 -31.27
N SER A 379 -9.82 1.66 -32.04
CA SER A 379 -10.55 0.42 -31.69
C SER A 379 -9.86 -0.13 -30.45
N ARG A 380 -10.65 -0.37 -29.41
CA ARG A 380 -10.14 -0.97 -28.17
C ARG A 380 -10.05 -2.47 -28.33
N PRO A 381 -8.84 -3.04 -28.21
CA PRO A 381 -8.71 -4.47 -28.32
C PRO A 381 -9.27 -5.18 -27.10
N SER A 382 -9.47 -6.48 -27.21
CA SER A 382 -9.96 -7.28 -26.09
C SER A 382 -9.31 -8.65 -26.12
N GLN A 383 -9.42 -9.35 -25.00
CA GLN A 383 -8.87 -10.72 -24.88
CA GLN A 383 -8.86 -10.70 -24.84
C GLN A 383 -9.92 -11.57 -24.16
N THR A 384 -10.15 -12.76 -24.69
CA THR A 384 -11.05 -13.75 -24.10
C THR A 384 -10.23 -14.55 -23.09
N PHE A 385 -10.82 -14.84 -21.93
CA PHE A 385 -10.25 -15.69 -20.86
C PHE A 385 -11.22 -16.84 -20.62
N THR A 386 -10.73 -18.08 -20.72
CA THR A 386 -11.56 -19.27 -20.45
C THR A 386 -11.09 -19.81 -19.10
N LEU A 387 -12.04 -20.08 -18.21
CA LEU A 387 -11.77 -20.74 -16.91
C LEU A 387 -12.35 -22.14 -16.93
N THR A 388 -11.56 -23.11 -16.52
CA THR A 388 -11.97 -24.52 -16.47
C THR A 388 -11.96 -24.96 -15.02
N GLY A 389 -12.62 -26.08 -14.75
CA GLY A 389 -12.74 -26.69 -13.41
C GLY A 389 -13.81 -26.05 -12.58
N LEU A 390 -14.77 -25.35 -13.19
CA LEU A 390 -15.86 -24.64 -12.46
C LEU A 390 -17.04 -25.58 -12.20
N SER A 391 -17.77 -25.36 -11.11
CA SER A 391 -19.03 -26.06 -10.77
C SER A 391 -20.24 -25.21 -11.19
N GLY A 392 -21.38 -25.85 -11.35
CA GLY A 392 -22.64 -25.14 -11.57
C GLY A 392 -22.91 -24.82 -13.04
N SER A 393 -23.94 -24.00 -13.24
CA SER A 393 -24.51 -23.63 -14.56
C SER A 393 -24.11 -22.20 -14.90
N THR A 394 -23.70 -21.42 -13.89
CA THR A 394 -23.57 -19.94 -14.04
C THR A 394 -22.59 -19.42 -12.99
N VAL A 395 -21.89 -18.35 -13.32
CA VAL A 395 -21.11 -17.56 -12.34
C VAL A 395 -21.51 -16.09 -12.55
N SER A 396 -21.20 -15.26 -11.58
CA SER A 396 -21.48 -13.81 -11.63
C SER A 396 -20.14 -13.07 -11.72
N ALA A 397 -20.13 -11.85 -12.23
CA ALA A 397 -18.89 -11.06 -12.27
C ALA A 397 -19.20 -9.59 -12.09
N LYS A 398 -18.21 -8.91 -11.57
CA LYS A 398 -18.17 -7.44 -11.49
C LYS A 398 -16.96 -6.94 -12.28
N ARG A 399 -17.17 -5.87 -13.03
CA ARG A 399 -16.16 -5.32 -13.96
C ARG A 399 -15.63 -3.99 -13.49
N LEU A 400 -14.31 -3.82 -13.54
CA LEU A 400 -13.67 -2.52 -13.44
C LEU A 400 -13.29 -2.05 -14.84
N THR A 401 -13.76 -0.88 -15.24
CA THR A 401 -13.48 -0.32 -16.56
C THR A 401 -13.44 1.19 -16.45
N ALA A 402 -12.98 1.79 -17.54
CA ALA A 402 -13.00 3.25 -17.77
C ALA A 402 -12.83 3.45 -19.28
N ALA A 403 -12.97 4.67 -19.74
CA ALA A 403 -12.90 4.97 -21.19
C ALA A 403 -11.50 4.68 -21.71
N ALA A 404 -10.47 4.85 -20.90
CA ALA A 404 -9.08 4.85 -21.39
C ALA A 404 -8.14 4.56 -20.23
N SER A 405 -6.95 4.08 -20.56
CA SER A 405 -5.91 3.90 -19.53
C SER A 405 -5.70 5.25 -18.81
N THR A 406 -5.81 6.39 -19.51
CA THR A 406 -5.50 7.73 -18.99
C THR A 406 -6.66 8.34 -18.21
N SER A 407 -7.81 7.67 -18.09
CA SER A 407 -9.04 8.28 -17.55
C SER A 407 -8.85 8.87 -16.15
N ARG A 408 -9.16 10.15 -15.97
CA ARG A 408 -9.09 10.82 -14.68
C ARG A 408 -10.49 11.21 -14.23
N VAL A 409 -10.77 11.07 -12.95
CA VAL A 409 -12.03 11.54 -12.31
C VAL A 409 -12.20 13.05 -12.53
N ASP A 410 -11.21 13.87 -12.22
CA ASP A 410 -11.19 15.26 -12.74
C ASP A 410 -11.03 15.11 -14.27
N ALA A 411 -11.73 15.89 -15.08
CA ALA A 411 -11.85 15.68 -16.55
C ALA A 411 -12.99 14.69 -16.83
N GLY A 412 -13.68 14.24 -15.79
CA GLY A 412 -15.00 13.59 -15.88
C GLY A 412 -14.99 12.19 -16.49
N GLN A 413 -13.82 11.52 -16.65
CA GLN A 413 -13.71 10.12 -17.15
C GLN A 413 -13.50 9.21 -15.90
N SER A 414 -14.37 9.26 -14.90
CA SER A 414 -14.29 8.35 -13.71
C SER A 414 -14.35 6.93 -14.20
N PRO A 415 -13.47 6.03 -13.69
CA PRO A 415 -13.70 4.60 -13.85
C PRO A 415 -15.05 4.26 -13.20
N THR A 416 -15.51 3.06 -13.43
CA THR A 416 -16.66 2.42 -12.73
C THR A 416 -16.24 1.06 -12.19
N VAL A 417 -16.80 0.73 -11.04
CA VAL A 417 -16.69 -0.62 -10.45
C VAL A 417 -18.10 -1.14 -10.46
N ALA A 418 -18.39 -2.10 -11.35
CA ALA A 418 -19.75 -2.66 -11.53
C ALA A 418 -20.75 -1.51 -11.68
N GLY A 419 -20.36 -0.50 -12.42
CA GLY A 419 -21.22 0.64 -12.77
C GLY A 419 -21.19 1.78 -11.77
N GLN A 420 -20.62 1.56 -10.59
CA GLN A 420 -20.64 2.56 -9.49
C GLN A 420 -19.39 3.42 -9.46
N THR A 421 -19.56 4.62 -8.92
CA THR A 421 -18.50 5.62 -8.73
C THR A 421 -18.59 6.16 -7.29
N PHE A 422 -17.72 7.10 -6.99
CA PHE A 422 -17.62 7.68 -5.63
C PHE A 422 -17.81 9.20 -5.75
N GLU A 423 -18.57 9.78 -4.82
CA GLU A 423 -18.91 11.22 -4.89
C GLU A 423 -17.69 12.11 -4.65
N ASN A 424 -17.44 13.07 -5.52
CA ASN A 424 -16.41 14.13 -5.27
C ASN A 424 -16.74 14.81 -3.94
N GLY A 425 -15.75 14.93 -3.07
CA GLY A 425 -15.90 15.70 -1.83
C GLY A 425 -16.37 14.86 -0.67
N SER A 426 -16.93 13.68 -0.90
CA SER A 426 -17.39 12.80 0.19
C SER A 426 -16.92 11.34 0.14
N CYS A 427 -16.64 10.82 -1.06
CA CYS A 427 -16.29 9.40 -1.28
C CYS A 427 -17.50 8.49 -1.10
N LYS A 428 -18.72 9.04 -1.07
CA LYS A 428 -19.92 8.23 -0.97
C LYS A 428 -20.11 7.42 -2.28
N ILE A 429 -20.45 6.15 -2.16
CA ILE A 429 -20.77 5.28 -3.31
C ILE A 429 -21.98 5.85 -4.05
N GLN A 430 -21.91 5.79 -5.36
CA GLN A 430 -22.93 6.36 -6.24
C GLN A 430 -23.26 5.35 -7.34
N GLY A 431 -24.49 5.42 -7.80
CA GLY A 431 -24.97 4.62 -8.93
C GLY A 431 -25.50 3.23 -8.57
N GLN A 432 -26.12 2.61 -9.58
CA GLN A 432 -26.74 1.27 -9.54
C GLN A 432 -25.61 0.28 -9.79
N SER A 433 -25.47 -0.75 -8.95
CA SER A 433 -24.47 -1.83 -9.18
C SER A 433 -24.99 -2.70 -10.31
N THR A 434 -24.17 -2.99 -11.32
CA THR A 434 -24.52 -3.99 -12.34
C THR A 434 -23.62 -5.21 -12.18
N VAL A 435 -24.23 -6.38 -12.16
CA VAL A 435 -23.51 -7.69 -12.07
C VAL A 435 -23.72 -8.44 -13.36
N GLU A 436 -22.65 -8.95 -13.92
CA GLU A 436 -22.65 -9.76 -15.14
C GLU A 436 -22.88 -11.22 -14.77
N SER A 437 -23.42 -11.97 -15.71
CA SER A 437 -23.60 -13.43 -15.64
C SER A 437 -22.84 -14.06 -16.77
N ALA A 438 -22.29 -15.22 -16.52
CA ALA A 438 -21.61 -16.03 -17.55
C ALA A 438 -22.05 -17.48 -17.38
N THR A 439 -22.29 -18.17 -18.48
CA THR A 439 -22.67 -19.61 -18.46
C THR A 439 -21.48 -20.46 -18.05
N VAL A 440 -21.75 -21.54 -17.34
CA VAL A 440 -20.78 -22.64 -17.09
C VAL A 440 -21.29 -23.88 -17.81
N SER A 441 -20.49 -24.42 -18.72
CA SER A 441 -20.83 -25.65 -19.46
C SER A 441 -19.56 -26.49 -19.60
N GLY A 442 -19.63 -27.77 -19.27
CA GLY A 442 -18.43 -28.61 -19.18
C GLY A 442 -17.45 -28.05 -18.18
N GLY A 443 -17.93 -27.44 -17.09
CA GLY A 443 -17.08 -26.79 -16.07
C GLY A 443 -16.30 -25.58 -16.60
N LYS A 444 -16.68 -25.03 -17.76
CA LYS A 444 -15.94 -23.94 -18.44
C LYS A 444 -16.84 -22.71 -18.56
N ALA A 445 -16.25 -21.54 -18.41
CA ALA A 445 -16.88 -20.23 -18.66
C ALA A 445 -15.88 -19.37 -19.39
N THR A 446 -16.38 -18.47 -20.24
CA THR A 446 -15.51 -17.57 -20.99
C THR A 446 -15.92 -16.13 -20.69
N PHE A 447 -14.91 -15.29 -20.54
CA PHE A 447 -15.06 -13.86 -20.23
C PHE A 447 -14.23 -13.10 -21.24
N THR A 448 -14.62 -11.88 -21.49
CA THR A 448 -13.94 -11.02 -22.46
C THR A 448 -13.58 -9.75 -21.68
N LEU A 449 -12.30 -9.42 -21.64
CA LEU A 449 -11.81 -8.17 -21.03
C LEU A 449 -11.23 -7.31 -22.12
N GLN A 450 -11.68 -6.07 -22.19
CA GLN A 450 -11.05 -5.09 -23.07
C GLN A 450 -9.69 -4.71 -22.51
N ALA A 451 -8.84 -4.12 -23.36
CA ALA A 451 -7.59 -3.56 -22.87
C ALA A 451 -7.89 -2.67 -21.67
N SER A 452 -7.08 -2.73 -20.61
CA SER A 452 -7.24 -1.86 -19.42
C SER A 452 -8.60 -2.11 -18.76
N GLU A 453 -8.83 -3.37 -18.38
CA GLU A 453 -10.03 -3.77 -17.60
C GLU A 453 -9.66 -4.84 -16.61
N ALA A 454 -10.46 -5.00 -15.58
CA ALA A 454 -10.33 -6.16 -14.68
C ALA A 454 -11.73 -6.69 -14.40
N LEU A 455 -11.80 -7.96 -14.06
CA LEU A 455 -13.08 -8.65 -13.86
C LEU A 455 -12.96 -9.59 -12.67
N LEU A 456 -13.87 -9.42 -11.73
CA LEU A 456 -13.87 -10.28 -10.52
C LEU A 456 -15.03 -11.25 -10.62
N VAL A 457 -14.69 -12.52 -10.80
CA VAL A 457 -15.68 -13.58 -11.06
C VAL A 457 -15.94 -14.25 -9.71
N THR A 458 -17.21 -14.34 -9.32
CA THR A 458 -17.64 -15.07 -8.08
C THR A 458 -18.13 -16.47 -8.47
N LEU A 459 -17.55 -17.50 -7.86
CA LEU A 459 -17.85 -18.94 -8.11
C LEU A 459 -19.05 -19.38 -7.24
C1 NAG B . 1.60 -21.14 -10.67
C2 NAG B . 2.26 -20.63 -11.94
C3 NAG B . 1.47 -21.05 -13.19
C4 NAG B . 1.29 -22.58 -13.19
C5 NAG B . 0.69 -23.02 -11.86
C6 NAG B . 0.59 -24.55 -11.82
C7 NAG B . 3.49 -18.62 -11.50
C8 NAG B . 3.54 -17.11 -11.59
N2 NAG B . 2.39 -19.21 -11.90
O3 NAG B . 2.15 -20.61 -14.37
O4 NAG B . 0.36 -22.91 -14.23
O5 NAG B . 1.52 -22.57 -10.79
O6 NAG B . -0.16 -24.87 -10.62
O7 NAG B . 4.46 -19.20 -11.00
C1 NAG C . 16.26 4.47 27.19
C2 NAG C . 17.49 3.55 27.32
C3 NAG C . 18.81 4.26 27.57
C4 NAG C . 18.97 5.46 26.63
C5 NAG C . 17.80 6.39 26.68
C6 NAG C . 17.84 7.58 25.69
C7 NAG C . 17.15 1.24 28.11
C8 NAG C . 16.88 0.46 29.35
N2 NAG C . 17.30 2.53 28.35
O3 NAG C . 19.88 3.31 27.40
O4 NAG C . 20.11 6.24 27.01
O5 NAG C . 16.57 5.70 26.46
O6 NAG C . 16.76 8.41 26.10
O7 NAG C . 17.21 0.74 26.99
#